data_8DYS
#
_entry.id   8DYS
#
_cell.length_a   54.289
_cell.length_b   84.847
_cell.length_c   99.340
_cell.angle_alpha   90.000
_cell.angle_beta   90.000
_cell.angle_gamma   90.000
#
_symmetry.space_group_name_H-M   'P 21 21 21'
#
loop_
_entity.id
_entity.type
_entity.pdbx_description
1 polymer 'Eukaryotic translation initiation factor 2A'
2 non-polymer 1,2-ETHANEDIOL
3 non-polymer GLYCEROL
4 non-polymer 'UNKNOWN ATOM OR ION'
5 water water
#
_entity_poly.entity_id   1
_entity_poly.type   'polypeptide(L)'
_entity_poly.pdbx_seq_one_letter_code
;MHHHHHHSSGRENLYFQGMAPSTPLLTVRGSEGLYMVNGPPHFTESTVFPRESGKNCKVCIFSKDGTLFAWGNGEKVNII
SVTNKGLLHSFDLLKAVCLEFSPKNTVLATWQPYTTSKDGTAGIPNLQLYDVKTGTCLKSFIQKKMQNWCPSWSEDETLC
ARNVNNEVHFFENNNFNTIANKLHLQKINDFVLSPGPQPYKVAVYVPGSKGAPSFVRLYQYPNFAGPHAALANKSFFKAD
KVTMLWNKKATAVLVIASTDVDKTGASYYGEQTLHYIATNGESAVVQLPKNGPIYDVVWNSSSTEFCAVYGFMPAKATIF
NLKCDPVFDFGTGPRNAAYYSPHGHILVLAGFGNLRGQMEVWDVKNYKLISKPVASDSTYFAWCPDGEHILTATCAPRLR
VNNGYKIWHYTGSILHKYDVPSNAELWQVSWQPFLDGIFPAKTITYQAVPSEVPNEEPKVATAYRPPALRNKPITNSKLH
EEEPPQNMKPQSGNDKPLSKTALKNQRKHEAKKAAKQEARSDKSPDLAPTPAPQSTPRNTVSQSISGDPEIDKKIKNLKK
KLKAIEQLKEQAATGKQLEKNQLEKIQKETALLQELEDLELGI
;
_entity_poly.pdbx_strand_id   A
#
loop_
_chem_comp.id
_chem_comp.type
_chem_comp.name
_chem_comp.formula
EDO non-polymer 1,2-ETHANEDIOL 'C2 H6 O2'
GOL non-polymer GLYCEROL 'C3 H8 O3'
UNX non-polymer 'UNKNOWN ATOM OR ION' ?
#
# COMPACT_ATOMS: atom_id res chain seq x y z
N SER A 22 -1.17 19.20 14.78
CA SER A 22 -0.77 17.76 14.77
C SER A 22 -1.39 16.99 13.59
N THR A 23 -2.21 17.66 12.77
N THR A 23 -2.24 17.64 12.78
CA THR A 23 -2.93 17.09 11.59
CA THR A 23 -2.92 17.04 11.61
C THR A 23 -1.91 16.71 10.52
C THR A 23 -1.90 16.69 10.54
N PRO A 24 -2.12 15.60 9.78
CA PRO A 24 -1.24 15.24 8.68
C PRO A 24 -1.18 16.30 7.56
N LEU A 25 0.03 16.56 7.10
CA LEU A 25 0.33 17.33 5.89
C LEU A 25 -0.20 16.60 4.67
N LEU A 26 -0.36 17.35 3.58
CA LEU A 26 -0.56 16.81 2.23
C LEU A 26 0.62 17.25 1.37
N THR A 27 1.10 16.36 0.52
CA THR A 27 2.05 16.71 -0.55
C THR A 27 1.27 16.78 -1.86
N VAL A 28 1.54 17.83 -2.63
CA VAL A 28 0.90 18.05 -3.95
C VAL A 28 2.05 18.15 -4.94
N ARG A 29 2.09 17.23 -5.89
CA ARG A 29 3.15 17.12 -6.91
C ARG A 29 2.47 17.26 -8.27
N GLY A 30 2.85 18.26 -9.05
CA GLY A 30 2.29 18.42 -10.39
C GLY A 30 3.16 19.33 -11.22
N SER A 31 2.67 19.72 -12.39
CA SER A 31 3.41 20.60 -13.32
C SER A 31 3.77 21.91 -12.62
N GLU A 32 2.89 22.45 -11.77
CA GLU A 32 3.15 23.72 -11.02
C GLU A 32 4.23 23.50 -9.95
N GLY A 33 4.71 22.26 -9.79
CA GLY A 33 5.80 21.90 -8.87
C GLY A 33 5.30 21.06 -7.69
N LEU A 34 6.17 20.90 -6.69
CA LEU A 34 5.91 20.10 -5.46
C LEU A 34 5.74 21.08 -4.31
N TYR A 35 4.66 20.95 -3.55
CA TYR A 35 4.49 21.73 -2.31
C TYR A 35 3.73 20.90 -1.28
N MET A 36 3.78 21.39 -0.05
CA MET A 36 3.03 20.77 1.06
C MET A 36 1.99 21.75 1.56
N VAL A 37 0.87 21.19 2.00
CA VAL A 37 -0.29 21.90 2.56
C VAL A 37 -0.52 21.35 3.96
N ASN A 38 -0.72 22.23 4.94
CA ASN A 38 -1.18 21.86 6.29
C ASN A 38 -2.52 21.13 6.14
N GLY A 39 -2.75 20.16 7.02
CA GLY A 39 -3.98 19.36 7.04
C GLY A 39 -5.16 20.16 7.59
N PRO A 40 -6.32 19.49 7.75
CA PRO A 40 -7.49 20.10 8.38
C PRO A 40 -7.21 20.67 9.76
N PRO A 41 -7.82 21.80 10.16
CA PRO A 41 -8.80 22.53 9.35
C PRO A 41 -8.20 23.74 8.60
N HIS A 42 -6.88 23.90 8.67
CA HIS A 42 -6.13 25.10 8.20
C HIS A 42 -6.06 25.07 6.67
N PHE A 43 -5.41 24.06 6.10
CA PHE A 43 -5.13 23.90 4.64
C PHE A 43 -4.31 25.09 4.10
N THR A 44 -3.47 25.69 4.95
CA THR A 44 -2.48 26.72 4.55
C THR A 44 -1.28 26.03 3.92
N GLU A 45 -0.57 26.71 3.00
CA GLU A 45 0.70 26.20 2.41
C GLU A 45 1.69 25.98 3.57
N SER A 46 2.39 24.86 3.55
CA SER A 46 3.31 24.44 4.62
C SER A 46 4.72 24.96 4.30
N THR A 47 5.35 25.50 5.33
CA THR A 47 6.74 26.05 5.33
C THR A 47 7.75 24.91 5.54
N VAL A 48 7.28 23.69 5.84
CA VAL A 48 8.11 22.45 5.91
C VAL A 48 8.82 22.28 4.56
N PHE A 49 8.11 22.58 3.47
CA PHE A 49 8.61 22.37 2.08
C PHE A 49 8.62 23.69 1.33
N PRO A 50 9.81 24.17 0.86
CA PRO A 50 9.86 25.31 -0.05
C PRO A 50 9.48 24.85 -1.47
N ARG A 51 8.45 25.47 -2.05
CA ARG A 51 8.02 25.25 -3.47
C ARG A 51 9.25 25.26 -4.38
N GLU A 52 10.17 26.23 -4.20
CA GLU A 52 11.39 26.45 -5.03
C GLU A 52 12.08 25.11 -5.32
N SER A 53 12.20 24.26 -4.29
CA SER A 53 12.97 22.99 -4.33
C SER A 53 12.22 21.88 -5.09
N GLY A 54 10.98 22.12 -5.55
CA GLY A 54 10.07 21.05 -6.02
C GLY A 54 9.74 21.07 -7.51
N LYS A 55 10.45 21.83 -8.33
CA LYS A 55 10.20 21.91 -9.80
C LYS A 55 10.51 20.55 -10.44
N ASN A 56 9.72 20.15 -11.45
CA ASN A 56 9.94 18.93 -12.28
C ASN A 56 10.04 17.69 -11.38
N CYS A 57 9.37 17.69 -10.23
CA CYS A 57 9.49 16.57 -9.26
C CYS A 57 8.77 15.35 -9.83
N LYS A 58 9.52 14.28 -10.09
CA LYS A 58 9.02 13.04 -10.75
C LYS A 58 8.70 11.96 -9.72
N VAL A 59 9.13 12.14 -8.47
CA VAL A 59 8.92 11.09 -7.43
C VAL A 59 9.05 11.78 -6.07
N CYS A 60 8.18 11.43 -5.15
CA CYS A 60 8.35 11.86 -3.75
C CYS A 60 7.71 10.81 -2.86
N ILE A 61 8.23 10.67 -1.66
CA ILE A 61 7.65 9.71 -0.70
C ILE A 61 7.96 10.15 0.73
N PHE A 62 7.02 9.90 1.64
CA PHE A 62 7.27 10.02 3.10
C PHE A 62 7.79 8.69 3.61
N SER A 63 8.54 8.71 4.71
CA SER A 63 8.73 7.50 5.55
C SER A 63 7.39 7.09 6.20
N LYS A 64 7.31 5.83 6.62
CA LYS A 64 6.11 5.21 7.23
C LYS A 64 5.61 6.04 8.42
N ASP A 65 6.51 6.62 9.19
CA ASP A 65 6.15 7.39 10.41
C ASP A 65 5.97 8.86 10.06
N GLY A 66 6.14 9.23 8.79
CA GLY A 66 5.87 10.57 8.28
C GLY A 66 6.88 11.61 8.76
N THR A 67 8.01 11.20 9.33
CA THR A 67 9.02 12.15 9.87
C THR A 67 10.04 12.53 8.80
N LEU A 68 10.17 11.72 7.76
CA LEU A 68 11.14 11.99 6.66
C LEU A 68 10.40 12.04 5.34
N PHE A 69 10.98 12.77 4.42
CA PHE A 69 10.41 13.01 3.08
C PHE A 69 11.55 13.09 2.07
N ALA A 70 11.41 12.34 0.98
CA ALA A 70 12.44 12.29 -0.08
C ALA A 70 11.76 12.65 -1.39
N TRP A 71 12.48 13.33 -2.27
CA TRP A 71 11.93 13.70 -3.60
C TRP A 71 13.07 13.81 -4.59
N GLY A 72 12.75 13.58 -5.86
CA GLY A 72 13.73 13.61 -6.93
C GLY A 72 13.13 14.17 -8.21
N ASN A 73 14.00 14.74 -9.03
CA ASN A 73 13.60 15.39 -10.31
C ASN A 73 14.12 14.54 -11.48
N GLY A 74 14.71 13.37 -11.21
CA GLY A 74 15.31 12.49 -12.23
C GLY A 74 16.80 12.72 -12.39
N GLU A 75 17.32 13.78 -11.77
CA GLU A 75 18.74 14.22 -11.79
C GLU A 75 19.31 14.06 -10.38
N LYS A 76 18.52 14.36 -9.36
CA LYS A 76 18.99 14.33 -7.96
C LYS A 76 17.87 13.86 -7.03
N VAL A 77 18.25 13.55 -5.80
CA VAL A 77 17.31 13.14 -4.73
C VAL A 77 17.65 13.95 -3.49
N ASN A 78 16.63 14.52 -2.84
CA ASN A 78 16.80 15.24 -1.57
C ASN A 78 16.05 14.50 -0.46
N ILE A 79 16.58 14.55 0.76
CA ILE A 79 15.88 14.03 1.96
C ILE A 79 15.77 15.21 2.93
N ILE A 80 14.57 15.45 3.44
CA ILE A 80 14.35 16.45 4.51
C ILE A 80 13.76 15.75 5.74
N SER A 81 13.95 16.36 6.90
CA SER A 81 13.15 16.04 8.11
C SER A 81 11.88 16.88 8.04
N VAL A 82 10.73 16.23 8.16
CA VAL A 82 9.42 16.93 8.18
C VAL A 82 9.25 17.64 9.53
N THR A 83 9.69 16.99 10.61
CA THR A 83 9.44 17.36 12.01
C THR A 83 10.51 18.34 12.48
N ASN A 84 11.77 18.00 12.20
CA ASN A 84 12.96 18.79 12.58
C ASN A 84 13.44 19.45 11.30
N LYS A 85 12.67 20.44 10.84
CA LYS A 85 12.69 20.96 9.45
C LYS A 85 14.15 21.16 9.06
N GLY A 86 14.51 20.73 7.85
CA GLY A 86 15.89 20.89 7.35
C GLY A 86 16.26 19.82 6.35
N LEU A 87 17.11 20.19 5.38
CA LEU A 87 17.68 19.26 4.39
C LEU A 87 18.64 18.33 5.11
N LEU A 88 18.46 17.02 4.95
CA LEU A 88 19.38 16.02 5.56
C LEU A 88 20.44 15.67 4.54
N HIS A 89 20.02 15.39 3.31
CA HIS A 89 20.95 15.02 2.22
C HIS A 89 20.47 15.57 0.90
N SER A 90 21.43 15.88 0.04
CA SER A 90 21.26 16.02 -1.41
C SER A 90 22.17 14.99 -2.10
N PHE A 91 21.59 14.04 -2.84
CA PHE A 91 22.32 13.07 -3.70
C PHE A 91 22.31 13.67 -5.11
N ASP A 92 23.36 14.42 -5.46
CA ASP A 92 23.35 15.41 -6.57
C ASP A 92 23.34 14.73 -7.95
N LEU A 93 23.73 13.45 -8.04
CA LEU A 93 23.82 12.70 -9.32
C LEU A 93 22.88 11.49 -9.31
N LEU A 94 21.96 11.39 -8.34
CA LEU A 94 21.15 10.17 -8.16
C LEU A 94 19.88 10.28 -9.02
N LYS A 95 19.77 9.44 -10.06
CA LYS A 95 18.69 9.55 -11.09
C LYS A 95 17.56 8.58 -10.74
N ALA A 96 17.21 8.51 -9.45
CA ALA A 96 16.13 7.66 -8.91
C ALA A 96 14.80 8.00 -9.60
N VAL A 97 14.12 6.95 -10.05
CA VAL A 97 12.73 6.98 -10.57
C VAL A 97 11.75 6.59 -9.45
N CYS A 98 12.16 5.69 -8.55
CA CYS A 98 11.34 5.23 -7.41
C CYS A 98 12.14 5.40 -6.11
N LEU A 99 11.44 5.67 -5.04
CA LEU A 99 12.02 5.89 -3.69
C LEU A 99 11.16 5.19 -2.65
N GLU A 100 11.77 4.71 -1.59
CA GLU A 100 11.05 4.13 -0.44
C GLU A 100 11.99 4.14 0.75
N PHE A 101 11.53 4.61 1.90
CA PHE A 101 12.32 4.46 3.13
C PHE A 101 12.06 3.08 3.72
N SER A 102 13.06 2.56 4.42
CA SER A 102 12.87 1.41 5.32
C SER A 102 11.95 1.84 6.47
N PRO A 103 11.24 0.90 7.09
CA PRO A 103 10.14 1.25 8.01
C PRO A 103 10.58 2.03 9.27
N LYS A 104 11.83 1.90 9.70
CA LYS A 104 12.34 2.66 10.88
C LYS A 104 13.30 3.77 10.41
N ASN A 105 13.26 4.16 9.13
CA ASN A 105 13.90 5.38 8.60
C ASN A 105 15.41 5.20 8.43
N THR A 106 15.94 4.01 8.62
CA THR A 106 17.41 3.75 8.55
C THR A 106 17.90 3.99 7.12
N VAL A 107 17.12 3.53 6.14
CA VAL A 107 17.58 3.39 4.75
C VAL A 107 16.62 4.13 3.81
N LEU A 108 17.15 4.80 2.80
CA LEU A 108 16.37 5.23 1.62
C LEU A 108 16.74 4.27 0.50
N ALA A 109 15.79 3.47 0.06
CA ALA A 109 15.96 2.61 -1.13
C ALA A 109 15.61 3.44 -2.37
N THR A 110 16.40 3.29 -3.43
CA THR A 110 16.22 4.04 -4.69
C THR A 110 16.31 3.06 -5.84
N TRP A 111 15.54 3.33 -6.87
CA TRP A 111 15.56 2.48 -8.09
C TRP A 111 15.55 3.39 -9.31
N GLN A 112 16.31 2.95 -10.31
CA GLN A 112 16.32 3.56 -11.65
C GLN A 112 16.40 2.39 -12.61
N PRO A 113 16.03 2.58 -13.89
CA PRO A 113 16.12 1.48 -14.85
C PRO A 113 17.57 1.00 -14.95
N TYR A 114 17.74 -0.31 -15.11
CA TYR A 114 19.06 -0.95 -15.35
C TYR A 114 19.49 -0.62 -16.79
N THR A 115 20.71 -0.13 -16.99
CA THR A 115 21.25 0.24 -18.33
C THR A 115 22.71 -0.27 -18.45
N THR A 116 23.31 -0.17 -19.64
CA THR A 116 24.72 -0.58 -19.93
C THR A 116 25.15 -0.08 -21.31
N GLY A 123 26.77 -2.36 -16.74
CA GLY A 123 25.64 -1.70 -16.05
C GLY A 123 25.84 -1.62 -14.54
N ILE A 124 25.79 -0.40 -13.97
CA ILE A 124 25.80 -0.12 -12.51
C ILE A 124 24.60 -0.84 -11.87
N PRO A 125 24.75 -1.51 -10.70
CA PRO A 125 23.61 -1.93 -9.89
C PRO A 125 22.67 -0.73 -9.70
N ASN A 126 21.40 -0.95 -9.99
CA ASN A 126 20.40 0.12 -10.21
C ASN A 126 19.48 0.25 -8.97
N LEU A 127 19.52 -0.74 -8.08
CA LEU A 127 18.81 -0.64 -6.79
C LEU A 127 19.85 -0.25 -5.74
N GLN A 128 19.76 0.97 -5.24
CA GLN A 128 20.77 1.55 -4.32
C GLN A 128 20.10 1.88 -2.99
N LEU A 129 20.66 1.35 -1.90
CA LEU A 129 20.20 1.59 -0.52
C LEU A 129 21.19 2.56 0.12
N TYR A 130 20.70 3.72 0.53
CA TYR A 130 21.49 4.79 1.17
C TYR A 130 21.16 4.83 2.66
N ASP A 131 22.22 4.91 3.46
CA ASP A 131 22.14 5.19 4.90
C ASP A 131 21.63 6.61 5.07
N VAL A 132 20.46 6.76 5.70
CA VAL A 132 19.84 8.10 5.87
C VAL A 132 20.72 8.95 6.80
N LYS A 133 21.28 8.37 7.85
CA LYS A 133 22.08 9.18 8.82
C LYS A 133 23.30 9.80 8.11
N THR A 134 24.03 9.03 7.31
CA THR A 134 25.37 9.44 6.79
C THR A 134 25.34 9.76 5.30
N GLY A 135 24.29 9.34 4.57
CA GLY A 135 24.18 9.58 3.13
C GLY A 135 25.12 8.69 2.32
N THR A 136 25.68 7.65 2.93
CA THR A 136 26.59 6.67 2.31
C THR A 136 25.72 5.56 1.72
N CYS A 137 26.31 4.78 0.84
CA CYS A 137 25.60 3.67 0.15
C CYS A 137 25.82 2.41 0.98
N LEU A 138 24.74 1.89 1.55
CA LEU A 138 24.77 0.65 2.36
C LEU A 138 24.99 -0.57 1.47
N LYS A 139 24.33 -0.60 0.31
CA LYS A 139 24.37 -1.77 -0.59
C LYS A 139 23.72 -1.39 -1.91
N SER A 140 24.20 -1.93 -3.03
CA SER A 140 23.51 -1.79 -4.32
C SER A 140 23.23 -3.20 -4.85
N PHE A 141 22.18 -3.32 -5.64
CA PHE A 141 21.77 -4.60 -6.26
C PHE A 141 21.31 -4.34 -7.67
N ILE A 142 21.40 -5.38 -8.49
CA ILE A 142 20.71 -5.42 -9.81
C ILE A 142 19.25 -5.77 -9.54
N GLN A 143 18.35 -4.91 -9.98
CA GLN A 143 16.88 -5.11 -9.89
C GLN A 143 16.29 -4.68 -11.22
N LYS A 144 16.26 -5.60 -12.20
CA LYS A 144 15.86 -5.27 -13.59
C LYS A 144 14.39 -4.82 -13.62
N LYS A 145 13.50 -5.53 -12.95
CA LYS A 145 12.04 -5.22 -13.01
C LYS A 145 11.70 -4.13 -11.98
N MET A 146 10.92 -3.12 -12.40
CA MET A 146 10.38 -2.09 -11.49
C MET A 146 9.33 -2.73 -10.57
N GLN A 147 8.59 -3.74 -11.06
CA GLN A 147 7.57 -4.41 -10.22
C GLN A 147 8.25 -5.02 -8.99
N ASN A 148 7.78 -4.63 -7.81
CA ASN A 148 8.25 -5.14 -6.50
C ASN A 148 9.76 -4.88 -6.40
N TRP A 149 10.22 -3.73 -6.88
CA TRP A 149 11.66 -3.38 -6.94
C TRP A 149 12.24 -3.34 -5.52
N CYS A 150 11.47 -2.87 -4.56
CA CYS A 150 12.04 -2.50 -3.23
C CYS A 150 12.17 -3.75 -2.37
N PRO A 151 13.32 -3.95 -1.68
CA PRO A 151 13.43 -4.97 -0.64
C PRO A 151 12.31 -4.80 0.39
N SER A 152 11.92 -5.91 0.99
CA SER A 152 10.82 -5.96 1.98
C SER A 152 11.43 -6.04 3.37
N TRP A 153 11.38 -4.93 4.09
CA TRP A 153 11.77 -4.95 5.52
C TRP A 153 10.61 -5.45 6.38
N SER A 154 10.96 -6.18 7.43
CA SER A 154 10.10 -6.35 8.61
C SER A 154 9.88 -4.99 9.28
N GLU A 155 8.76 -4.81 9.95
CA GLU A 155 8.38 -3.54 10.61
C GLU A 155 9.52 -3.07 11.54
N ASP A 156 10.23 -3.99 12.18
CA ASP A 156 11.31 -3.64 13.13
C ASP A 156 12.67 -3.55 12.43
N GLU A 157 12.73 -3.82 11.11
CA GLU A 157 13.94 -3.77 10.24
C GLU A 157 14.96 -4.84 10.63
N THR A 158 14.62 -5.81 11.48
CA THR A 158 15.55 -6.88 11.84
C THR A 158 15.67 -7.84 10.67
N LEU A 159 14.68 -7.81 9.79
CA LEU A 159 14.66 -8.71 8.62
C LEU A 159 14.42 -7.89 7.37
N CYS A 160 15.11 -8.23 6.29
CA CYS A 160 14.95 -7.62 4.96
C CYS A 160 15.05 -8.74 3.94
N ALA A 161 14.09 -8.81 3.04
CA ALA A 161 14.02 -9.94 2.08
C ALA A 161 13.95 -9.38 0.66
N ARG A 162 14.53 -10.12 -0.27
CA ARG A 162 14.41 -9.81 -1.71
C ARG A 162 14.03 -11.11 -2.41
N ASN A 163 13.23 -10.99 -3.45
CA ASN A 163 12.95 -12.13 -4.35
C ASN A 163 14.06 -12.09 -5.41
N VAL A 164 15.02 -13.02 -5.34
CA VAL A 164 16.22 -13.08 -6.22
C VAL A 164 16.21 -14.45 -6.89
N ASN A 165 16.19 -14.53 -8.22
CA ASN A 165 16.22 -15.82 -8.95
C ASN A 165 15.13 -16.76 -8.40
N ASN A 166 13.92 -16.24 -8.17
CA ASN A 166 12.73 -17.01 -7.75
C ASN A 166 12.96 -17.72 -6.41
N GLU A 167 13.84 -17.16 -5.58
CA GLU A 167 14.07 -17.56 -4.18
C GLU A 167 13.86 -16.32 -3.33
N VAL A 168 13.66 -16.50 -2.05
CA VAL A 168 13.65 -15.34 -1.13
C VAL A 168 14.98 -15.34 -0.37
N HIS A 169 15.71 -14.24 -0.50
CA HIS A 169 16.96 -14.03 0.24
C HIS A 169 16.62 -13.10 1.42
N PHE A 170 17.02 -13.52 2.61
CA PHE A 170 16.79 -12.77 3.84
C PHE A 170 18.12 -12.19 4.32
N PHE A 171 18.08 -10.92 4.70
CA PHE A 171 19.19 -10.21 5.39
C PHE A 171 18.70 -9.87 6.79
N GLU A 172 19.60 -9.96 7.77
CA GLU A 172 19.27 -9.63 9.18
C GLU A 172 19.96 -8.32 9.53
N ASN A 173 19.25 -7.47 10.26
CA ASN A 173 19.81 -6.28 10.95
C ASN A 173 20.48 -5.35 9.96
N ASN A 174 19.96 -5.23 8.74
CA ASN A 174 20.47 -4.31 7.69
C ASN A 174 21.93 -4.64 7.40
N ASN A 175 22.33 -5.89 7.60
CA ASN A 175 23.62 -6.42 7.12
C ASN A 175 23.36 -7.06 5.74
N PHE A 176 23.67 -6.34 4.67
CA PHE A 176 23.40 -6.77 3.29
C PHE A 176 24.63 -7.42 2.64
N ASN A 177 25.69 -7.65 3.41
CA ASN A 177 26.94 -8.25 2.89
C ASN A 177 26.87 -9.78 3.01
N THR A 178 25.99 -10.29 3.86
CA THR A 178 25.83 -11.76 4.05
C THR A 178 24.34 -12.12 3.99
N ILE A 179 23.97 -13.08 3.15
CA ILE A 179 22.59 -13.63 3.11
C ILE A 179 22.44 -14.48 4.37
N ALA A 180 21.49 -14.13 5.25
CA ALA A 180 21.29 -14.83 6.53
C ALA A 180 20.59 -16.17 6.28
N ASN A 181 19.65 -16.21 5.34
CA ASN A 181 18.83 -17.40 5.04
C ASN A 181 18.25 -17.26 3.62
N LYS A 182 18.07 -18.40 2.95
CA LYS A 182 17.44 -18.48 1.61
C LYS A 182 16.22 -19.37 1.77
N LEU A 183 15.12 -18.97 1.15
CA LEU A 183 13.96 -19.86 0.99
C LEU A 183 13.93 -20.24 -0.48
N HIS A 184 14.18 -21.52 -0.75
CA HIS A 184 14.09 -22.12 -2.10
C HIS A 184 12.91 -23.10 -2.10
N LEU A 185 11.89 -22.80 -2.89
CA LEU A 185 10.69 -23.66 -2.99
C LEU A 185 10.25 -23.59 -4.43
N GLN A 186 10.64 -24.59 -5.23
CA GLN A 186 10.45 -24.58 -6.71
C GLN A 186 10.85 -23.18 -7.17
N LYS A 187 9.94 -22.44 -7.82
CA LYS A 187 10.12 -21.02 -8.21
C LYS A 187 9.11 -20.17 -7.42
N ILE A 188 9.61 -19.24 -6.62
CA ILE A 188 8.73 -18.30 -5.86
C ILE A 188 8.59 -17.02 -6.68
N ASN A 189 7.37 -16.61 -6.97
CA ASN A 189 7.10 -15.46 -7.85
C ASN A 189 6.85 -14.21 -7.01
N ASP A 190 6.46 -14.38 -5.75
CA ASP A 190 6.08 -13.21 -4.91
C ASP A 190 6.08 -13.68 -3.45
N PHE A 191 6.29 -12.76 -2.53
CA PHE A 191 6.24 -13.09 -1.09
C PHE A 191 5.82 -11.81 -0.40
N VAL A 192 5.22 -11.97 0.77
N VAL A 192 5.28 -11.96 0.80
CA VAL A 192 4.91 -10.83 1.69
CA VAL A 192 4.94 -10.80 1.68
C VAL A 192 5.29 -11.23 3.10
C VAL A 192 5.23 -11.19 3.12
N LEU A 193 5.97 -10.34 3.81
CA LEU A 193 6.28 -10.49 5.26
C LEU A 193 5.07 -10.04 6.06
N SER A 194 4.83 -10.73 7.17
CA SER A 194 3.76 -10.40 8.13
C SER A 194 4.12 -9.07 8.77
N PRO A 195 3.13 -8.23 9.06
CA PRO A 195 3.39 -6.96 9.73
C PRO A 195 3.45 -7.23 11.23
N GLY A 196 3.81 -6.20 11.98
CA GLY A 196 3.83 -6.21 13.46
C GLY A 196 5.18 -6.67 13.99
N PRO A 197 5.22 -7.33 15.15
CA PRO A 197 6.48 -7.67 15.81
C PRO A 197 7.01 -9.04 15.37
N GLN A 198 8.18 -9.43 15.86
CA GLN A 198 8.72 -10.80 15.71
C GLN A 198 7.82 -11.77 16.45
N PRO A 199 7.80 -13.06 16.04
CA PRO A 199 8.63 -13.58 14.97
C PRO A 199 7.94 -13.32 13.63
N TYR A 200 8.68 -13.01 12.58
CA TYR A 200 8.05 -12.62 11.30
C TYR A 200 7.66 -13.90 10.57
N LYS A 201 6.54 -13.82 9.89
CA LYS A 201 6.13 -14.89 8.99
C LYS A 201 6.27 -14.39 7.56
N VAL A 202 6.25 -15.35 6.65
CA VAL A 202 6.31 -15.00 5.23
C VAL A 202 5.28 -15.88 4.53
N ALA A 203 4.56 -15.25 3.63
CA ALA A 203 3.64 -15.90 2.69
C ALA A 203 4.35 -15.90 1.34
N VAL A 204 4.42 -17.06 0.71
CA VAL A 204 5.10 -17.20 -0.60
C VAL A 204 4.10 -17.78 -1.58
N TYR A 205 4.18 -17.27 -2.80
CA TYR A 205 3.33 -17.65 -3.94
C TYR A 205 4.21 -18.43 -4.90
N VAL A 206 3.85 -19.68 -5.13
CA VAL A 206 4.59 -20.59 -6.03
C VAL A 206 3.63 -20.93 -7.15
N PRO A 207 3.87 -20.41 -8.39
CA PRO A 207 2.98 -20.67 -9.52
C PRO A 207 2.86 -22.16 -9.89
N GLY A 208 3.93 -22.92 -9.64
CA GLY A 208 3.93 -24.37 -9.94
C GLY A 208 4.42 -24.63 -11.36
N SER A 209 4.88 -25.86 -11.61
CA SER A 209 5.38 -26.28 -12.94
C SER A 209 4.20 -26.25 -13.92
N LYS A 210 4.48 -26.16 -15.22
CA LYS A 210 3.47 -26.21 -16.31
C LYS A 210 2.45 -27.32 -15.98
N GLY A 211 1.15 -27.00 -16.06
CA GLY A 211 0.06 -27.97 -15.86
C GLY A 211 -0.19 -28.35 -14.41
N ALA A 212 0.56 -27.78 -13.45
CA ALA A 212 0.41 -28.08 -12.00
C ALA A 212 -0.31 -26.92 -11.31
N PRO A 213 -1.01 -27.19 -10.18
CA PRO A 213 -1.67 -26.12 -9.42
C PRO A 213 -0.63 -25.20 -8.76
N SER A 214 -1.03 -23.95 -8.55
CA SER A 214 -0.22 -22.93 -7.81
C SER A 214 -0.46 -23.15 -6.32
N PHE A 215 0.32 -22.53 -5.45
CA PHE A 215 -0.05 -22.52 -4.02
C PHE A 215 0.56 -21.31 -3.34
N VAL A 216 -0.05 -20.96 -2.22
CA VAL A 216 0.54 -19.99 -1.26
C VAL A 216 0.84 -20.78 0.01
N ARG A 217 2.06 -20.62 0.53
CA ARG A 217 2.51 -21.33 1.73
C ARG A 217 2.96 -20.28 2.76
N LEU A 218 2.65 -20.51 4.03
CA LEU A 218 3.09 -19.62 5.13
C LEU A 218 4.19 -20.31 5.92
N TYR A 219 5.22 -19.55 6.26
CA TYR A 219 6.32 -20.00 7.11
C TYR A 219 6.54 -18.93 8.18
N GLN A 220 7.07 -19.37 9.32
CA GLN A 220 7.70 -18.46 10.29
C GLN A 220 9.20 -18.44 10.03
N TYR A 221 9.77 -17.25 9.89
CA TYR A 221 11.23 -17.08 9.75
C TYR A 221 11.91 -17.57 11.03
N PRO A 222 13.03 -18.32 10.96
CA PRO A 222 13.67 -18.82 9.75
C PRO A 222 13.39 -20.30 9.49
N ASN A 223 12.27 -20.79 9.96
CA ASN A 223 11.98 -22.26 10.05
C ASN A 223 11.43 -22.72 8.70
N PHE A 224 12.29 -22.93 7.70
CA PHE A 224 11.86 -23.31 6.35
C PHE A 224 12.03 -24.81 6.09
N ALA A 225 12.87 -25.47 6.87
CA ALA A 225 13.30 -26.85 6.59
C ALA A 225 12.46 -27.85 7.37
N GLY A 226 12.23 -28.99 6.74
CA GLY A 226 11.63 -30.16 7.37
C GLY A 226 10.19 -30.31 6.87
N PRO A 227 9.66 -31.54 6.91
CA PRO A 227 8.35 -31.80 6.34
C PRO A 227 7.19 -31.08 7.07
N HIS A 228 7.41 -30.53 8.27
CA HIS A 228 6.32 -29.90 9.07
C HIS A 228 6.67 -28.44 9.39
N ALA A 229 7.55 -27.84 8.59
CA ALA A 229 7.96 -26.42 8.73
C ALA A 229 6.80 -25.49 8.39
N ALA A 230 6.09 -25.73 7.31
CA ALA A 230 5.09 -24.77 6.80
C ALA A 230 3.97 -24.62 7.86
N LEU A 231 3.53 -23.40 8.12
CA LEU A 231 2.36 -23.13 8.98
C LEU A 231 1.09 -23.55 8.26
N ALA A 232 1.06 -23.38 6.94
CA ALA A 232 -0.17 -23.53 6.14
C ALA A 232 0.17 -23.56 4.65
N ASN A 233 -0.76 -24.11 3.89
CA ASN A 233 -0.67 -24.29 2.43
C ASN A 233 -2.08 -24.15 1.85
N LYS A 234 -2.22 -23.41 0.76
CA LYS A 234 -3.49 -23.38 0.01
C LYS A 234 -3.15 -23.46 -1.47
N SER A 235 -3.67 -24.51 -2.11
CA SER A 235 -3.51 -24.75 -3.56
C SER A 235 -4.71 -24.15 -4.31
N PHE A 236 -4.47 -23.78 -5.56
CA PHE A 236 -5.50 -23.20 -6.45
C PHE A 236 -5.01 -23.33 -7.89
N PHE A 237 -5.94 -23.29 -8.84
CA PHE A 237 -5.63 -23.42 -10.27
C PHE A 237 -4.81 -22.18 -10.67
N LYS A 238 -3.80 -22.36 -11.51
CA LYS A 238 -2.96 -21.23 -11.98
C LYS A 238 -3.82 -20.00 -12.28
N ALA A 239 -3.33 -18.83 -11.85
CA ALA A 239 -3.87 -17.51 -12.21
C ALA A 239 -2.76 -16.65 -12.82
N ASP A 240 -3.14 -15.63 -13.60
CA ASP A 240 -2.21 -14.63 -14.22
C ASP A 240 -1.68 -13.67 -13.14
N LYS A 241 -2.47 -13.45 -12.08
CA LYS A 241 -2.18 -12.41 -11.07
C LYS A 241 -2.60 -12.94 -9.69
N VAL A 242 -1.72 -12.85 -8.70
CA VAL A 242 -2.04 -13.26 -7.30
C VAL A 242 -1.65 -12.11 -6.37
N THR A 243 -2.55 -11.77 -5.45
CA THR A 243 -2.32 -10.75 -4.39
C THR A 243 -2.47 -11.43 -3.03
N MET A 244 -1.49 -11.27 -2.15
CA MET A 244 -1.52 -11.83 -0.79
C MET A 244 -1.57 -10.66 0.19
N LEU A 245 -2.50 -10.71 1.12
CA LEU A 245 -2.76 -9.62 2.11
C LEU A 245 -2.72 -10.22 3.51
N TRP A 246 -1.74 -9.82 4.32
CA TRP A 246 -1.72 -10.17 5.76
C TRP A 246 -2.71 -9.29 6.54
N ASN A 247 -3.26 -9.84 7.61
CA ASN A 247 -3.94 -9.04 8.65
C ASN A 247 -2.85 -8.45 9.56
N LYS A 248 -3.19 -7.43 10.31
CA LYS A 248 -2.24 -6.69 11.18
C LYS A 248 -1.72 -7.62 12.30
N LYS A 249 -2.52 -8.58 12.75
CA LYS A 249 -2.13 -9.52 13.85
C LYS A 249 -1.27 -10.68 13.30
N ALA A 250 -1.02 -10.75 11.99
CA ALA A 250 -0.12 -11.75 11.37
C ALA A 250 -0.65 -13.17 11.65
N THR A 251 -1.97 -13.35 11.57
CA THR A 251 -2.60 -14.67 11.83
C THR A 251 -3.21 -15.23 10.54
N ALA A 252 -3.34 -14.45 9.49
CA ALA A 252 -4.02 -14.94 8.28
C ALA A 252 -3.63 -14.10 7.08
N VAL A 253 -3.77 -14.72 5.92
CA VAL A 253 -3.53 -14.10 4.59
C VAL A 253 -4.76 -14.34 3.72
N LEU A 254 -5.23 -13.28 3.09
CA LEU A 254 -6.19 -13.36 1.96
C LEU A 254 -5.40 -13.42 0.66
N VAL A 255 -5.81 -14.35 -0.20
CA VAL A 255 -5.14 -14.53 -1.50
C VAL A 255 -6.20 -14.31 -2.57
N ILE A 256 -5.97 -13.31 -3.42
CA ILE A 256 -6.86 -13.06 -4.57
C ILE A 256 -6.13 -13.62 -5.79
N ALA A 257 -6.70 -14.69 -6.37
CA ALA A 257 -6.18 -15.35 -7.59
C ALA A 257 -7.00 -14.84 -8.79
N SER A 258 -6.36 -14.17 -9.75
CA SER A 258 -6.97 -13.25 -10.74
C SER A 258 -6.40 -13.48 -12.15
N THR A 259 -7.15 -13.08 -13.19
CA THR A 259 -6.72 -13.05 -14.63
C THR A 259 -6.06 -11.71 -15.00
N TYR A 269 -12.52 -6.40 -15.67
CA TYR A 269 -11.68 -6.76 -14.49
C TYR A 269 -11.98 -8.21 -14.06
N GLY A 270 -12.35 -9.09 -14.99
CA GLY A 270 -13.09 -10.35 -14.73
C GLY A 270 -12.26 -11.51 -14.22
N GLU A 271 -12.92 -12.45 -13.53
CA GLU A 271 -12.43 -13.83 -13.17
C GLU A 271 -11.38 -13.78 -12.04
N GLN A 272 -11.84 -13.80 -10.79
CA GLN A 272 -10.97 -13.94 -9.58
C GLN A 272 -11.58 -14.98 -8.63
N THR A 273 -10.72 -15.60 -7.80
N THR A 273 -10.72 -15.59 -7.80
CA THR A 273 -11.14 -16.39 -6.62
CA THR A 273 -11.10 -16.42 -6.63
C THR A 273 -10.41 -15.84 -5.39
C THR A 273 -10.39 -15.86 -5.39
N LEU A 274 -11.03 -15.99 -4.23
CA LEU A 274 -10.50 -15.49 -2.93
C LEU A 274 -10.26 -16.68 -2.02
N HIS A 275 -9.04 -16.78 -1.47
CA HIS A 275 -8.59 -17.88 -0.60
C HIS A 275 -8.18 -17.26 0.73
N TYR A 276 -8.48 -17.97 1.80
CA TYR A 276 -8.11 -17.59 3.18
C TYR A 276 -7.12 -18.63 3.66
N ILE A 277 -6.02 -18.16 4.23
CA ILE A 277 -4.98 -19.06 4.77
C ILE A 277 -4.57 -18.51 6.12
N ALA A 278 -4.73 -19.32 7.16
CA ALA A 278 -4.45 -18.97 8.57
C ALA A 278 -3.14 -19.62 9.01
N THR A 279 -2.43 -18.94 9.91
CA THR A 279 -1.16 -19.44 10.48
C THR A 279 -1.41 -20.69 11.31
N ASN A 280 -2.66 -20.99 11.67
CA ASN A 280 -3.03 -22.22 12.43
C ASN A 280 -3.19 -23.39 11.44
N GLY A 281 -3.09 -23.13 10.14
CA GLY A 281 -3.07 -24.20 9.14
C GLY A 281 -4.41 -24.38 8.47
N GLU A 282 -5.44 -23.66 8.94
CA GLU A 282 -6.78 -23.69 8.28
C GLU A 282 -6.65 -22.90 6.98
N SER A 283 -7.29 -23.38 5.92
CA SER A 283 -7.41 -22.63 4.65
C SER A 283 -8.76 -22.96 4.03
N ALA A 284 -9.28 -22.04 3.24
CA ALA A 284 -10.62 -22.18 2.64
C ALA A 284 -10.67 -21.28 1.42
N VAL A 285 -11.44 -21.70 0.44
CA VAL A 285 -11.95 -20.79 -0.62
C VAL A 285 -13.06 -19.99 0.03
N VAL A 286 -13.07 -18.66 -0.09
CA VAL A 286 -14.18 -17.80 0.40
C VAL A 286 -15.33 -17.88 -0.61
N GLN A 287 -16.53 -18.17 -0.12
CA GLN A 287 -17.78 -18.32 -0.93
C GLN A 287 -18.40 -16.94 -1.12
N LEU A 288 -18.28 -16.42 -2.33
CA LEU A 288 -18.84 -15.10 -2.70
C LEU A 288 -20.18 -15.36 -3.39
N PRO A 289 -21.30 -14.99 -2.75
CA PRO A 289 -22.62 -15.37 -3.25
C PRO A 289 -23.15 -14.57 -4.45
N LYS A 290 -22.27 -14.04 -5.31
CA LYS A 290 -22.67 -13.43 -6.61
C LYS A 290 -21.54 -13.60 -7.63
N ASN A 291 -21.88 -14.20 -8.78
CA ASN A 291 -20.94 -14.42 -9.90
C ASN A 291 -20.41 -13.07 -10.39
N GLY A 292 -19.19 -13.10 -10.90
CA GLY A 292 -18.51 -11.96 -11.56
C GLY A 292 -17.18 -11.69 -10.89
N PRO A 293 -16.56 -10.54 -11.22
CA PRO A 293 -15.22 -10.22 -10.74
C PRO A 293 -15.18 -10.02 -9.22
N ILE A 294 -13.99 -10.17 -8.64
CA ILE A 294 -13.69 -9.66 -7.28
C ILE A 294 -12.94 -8.36 -7.51
N TYR A 295 -13.54 -7.22 -7.17
CA TYR A 295 -12.96 -5.89 -7.49
C TYR A 295 -11.94 -5.51 -6.42
N ASP A 296 -12.21 -5.91 -5.19
CA ASP A 296 -11.35 -5.46 -4.08
C ASP A 296 -11.61 -6.33 -2.87
N VAL A 297 -10.58 -6.48 -2.07
CA VAL A 297 -10.60 -7.21 -0.78
C VAL A 297 -9.69 -6.44 0.15
N VAL A 298 -10.15 -6.17 1.35
CA VAL A 298 -9.37 -5.39 2.34
C VAL A 298 -9.65 -5.94 3.72
N TRP A 299 -8.61 -6.00 4.53
CA TRP A 299 -8.69 -6.34 5.96
C TRP A 299 -9.13 -5.13 6.77
N ASN A 300 -9.91 -5.38 7.79
CA ASN A 300 -10.12 -4.42 8.88
C ASN A 300 -8.84 -4.45 9.71
N SER A 301 -8.40 -3.33 10.25
CA SER A 301 -7.20 -3.25 11.13
C SER A 301 -7.39 -4.06 12.42
N SER A 302 -8.62 -4.44 12.77
CA SER A 302 -8.96 -5.37 13.89
C SER A 302 -8.38 -6.77 13.64
N SER A 303 -8.10 -7.15 12.39
CA SER A 303 -7.59 -8.47 11.98
C SER A 303 -8.63 -9.58 12.13
N THR A 304 -9.89 -9.28 12.47
CA THR A 304 -10.93 -10.33 12.67
C THR A 304 -12.02 -10.23 11.61
N GLU A 305 -11.98 -9.21 10.76
CA GLU A 305 -12.96 -9.05 9.65
C GLU A 305 -12.24 -8.61 8.37
N PHE A 306 -12.79 -8.96 7.22
CA PHE A 306 -12.39 -8.36 5.92
C PHE A 306 -13.63 -8.07 5.09
N CYS A 307 -13.42 -7.22 4.10
CA CYS A 307 -14.47 -6.78 3.15
C CYS A 307 -14.10 -7.23 1.76
N ALA A 308 -15.07 -7.79 1.01
CA ALA A 308 -14.92 -8.13 -0.40
C ALA A 308 -16.00 -7.37 -1.17
N VAL A 309 -15.63 -6.80 -2.30
CA VAL A 309 -16.52 -6.14 -3.30
C VAL A 309 -16.47 -7.01 -4.54
N TYR A 310 -17.62 -7.55 -4.96
CA TYR A 310 -17.62 -8.68 -5.92
C TYR A 310 -18.93 -8.71 -6.71
N GLY A 311 -18.84 -9.28 -7.90
CA GLY A 311 -20.00 -9.64 -8.75
C GLY A 311 -20.15 -8.68 -9.91
N PHE A 312 -20.80 -9.14 -10.97
CA PHE A 312 -21.25 -8.26 -12.08
C PHE A 312 -22.04 -7.10 -11.49
N MET A 313 -21.80 -5.88 -11.98
CA MET A 313 -22.51 -4.65 -11.51
C MET A 313 -24.02 -4.92 -11.47
N PRO A 314 -24.74 -4.46 -10.42
CA PRO A 314 -24.15 -3.68 -9.34
C PRO A 314 -23.46 -4.61 -8.33
N ALA A 315 -22.24 -4.27 -7.93
CA ALA A 315 -21.35 -5.15 -7.13
C ALA A 315 -21.94 -5.33 -5.73
N LYS A 316 -21.83 -6.54 -5.20
CA LYS A 316 -22.08 -6.87 -3.77
C LYS A 316 -20.88 -6.39 -2.96
N ALA A 317 -21.09 -6.07 -1.70
CA ALA A 317 -20.02 -5.91 -0.70
C ALA A 317 -20.48 -6.61 0.58
N THR A 318 -19.59 -7.37 1.19
CA THR A 318 -19.88 -8.17 2.38
C THR A 318 -18.69 -8.09 3.32
N ILE A 319 -18.94 -8.02 4.61
CA ILE A 319 -17.87 -8.24 5.62
C ILE A 319 -17.92 -9.73 5.97
N PHE A 320 -16.75 -10.37 6.04
CA PHE A 320 -16.55 -11.77 6.49
C PHE A 320 -15.72 -11.77 7.77
N ASN A 321 -15.95 -12.79 8.62
CA ASN A 321 -15.10 -13.03 9.81
C ASN A 321 -14.05 -14.10 9.47
N LEU A 322 -13.29 -14.56 10.45
CA LEU A 322 -12.13 -15.45 10.22
C LEU A 322 -12.62 -16.87 9.90
N LYS A 323 -13.90 -17.17 10.13
CA LYS A 323 -14.51 -18.44 9.66
C LYS A 323 -14.88 -18.28 8.19
N CYS A 324 -14.70 -17.07 7.65
CA CYS A 324 -15.09 -16.68 6.27
C CYS A 324 -16.61 -16.75 6.12
N ASP A 325 -17.32 -16.49 7.21
CA ASP A 325 -18.79 -16.35 7.21
C ASP A 325 -19.13 -14.88 7.06
N PRO A 326 -20.15 -14.54 6.23
CA PRO A 326 -20.74 -13.22 6.23
C PRO A 326 -21.08 -12.70 7.65
N VAL A 327 -20.60 -11.50 7.96
CA VAL A 327 -20.82 -10.74 9.22
C VAL A 327 -21.91 -9.71 8.94
N PHE A 328 -21.81 -9.02 7.81
CA PHE A 328 -22.77 -7.96 7.43
C PHE A 328 -22.76 -7.81 5.92
N ASP A 329 -23.94 -7.63 5.32
CA ASP A 329 -24.06 -7.50 3.85
C ASP A 329 -24.58 -6.10 3.55
N PHE A 330 -23.95 -5.42 2.59
CA PHE A 330 -24.22 -4.01 2.22
C PHE A 330 -25.16 -3.98 1.02
N GLY A 331 -25.76 -5.12 0.68
CA GLY A 331 -26.49 -5.29 -0.59
C GLY A 331 -25.61 -4.91 -1.75
N THR A 332 -26.18 -4.29 -2.79
CA THR A 332 -25.47 -3.99 -4.05
C THR A 332 -25.42 -2.49 -4.35
N GLY A 333 -24.46 -2.10 -5.18
CA GLY A 333 -24.23 -0.68 -5.50
C GLY A 333 -23.23 -0.51 -6.63
N PRO A 334 -23.05 0.75 -7.09
CA PRO A 334 -22.00 1.10 -8.04
C PRO A 334 -20.63 1.21 -7.34
N ARG A 335 -20.02 0.06 -7.06
CA ARG A 335 -18.77 -0.06 -6.25
C ARG A 335 -17.75 -0.93 -6.99
N ASN A 336 -16.47 -0.58 -6.87
CA ASN A 336 -15.38 -1.47 -7.32
C ASN A 336 -14.18 -1.34 -6.38
N ALA A 337 -14.38 -0.75 -5.20
CA ALA A 337 -13.27 -0.39 -4.30
C ALA A 337 -13.82 -0.33 -2.89
N ALA A 338 -13.01 -0.75 -1.92
CA ALA A 338 -13.33 -0.63 -0.49
C ALA A 338 -12.11 -0.09 0.25
N TYR A 339 -12.35 0.85 1.15
CA TYR A 339 -11.30 1.49 1.98
C TYR A 339 -11.80 1.62 3.41
N TYR A 340 -11.23 0.81 4.31
CA TYR A 340 -11.43 1.00 5.75
C TYR A 340 -10.65 2.23 6.17
N SER A 341 -11.18 2.96 7.12
CA SER A 341 -10.40 3.95 7.90
C SER A 341 -9.22 3.20 8.52
N PRO A 342 -8.10 3.86 8.83
CA PRO A 342 -6.97 3.19 9.47
C PRO A 342 -7.39 2.43 10.73
N HIS A 343 -8.36 2.96 11.47
CA HIS A 343 -8.88 2.44 12.78
C HIS A 343 -9.87 1.31 12.56
N GLY A 344 -10.42 1.19 11.36
CA GLY A 344 -11.35 0.14 10.98
C GLY A 344 -12.76 0.37 11.48
N HIS A 345 -13.12 1.59 11.87
CA HIS A 345 -14.46 1.94 12.39
C HIS A 345 -15.37 2.51 11.28
N ILE A 346 -14.79 2.88 10.14
CA ILE A 346 -15.54 3.42 8.98
C ILE A 346 -15.09 2.64 7.75
N LEU A 347 -16.01 2.39 6.82
CA LEU A 347 -15.70 1.71 5.56
C LEU A 347 -16.27 2.54 4.41
N VAL A 348 -15.46 2.86 3.42
CA VAL A 348 -15.97 3.51 2.18
C VAL A 348 -16.06 2.45 1.10
N LEU A 349 -17.25 2.30 0.54
CA LEU A 349 -17.48 1.52 -0.69
C LEU A 349 -17.56 2.53 -1.83
N ALA A 350 -16.58 2.54 -2.72
CA ALA A 350 -16.46 3.56 -3.78
C ALA A 350 -16.54 2.93 -5.16
N GLY A 351 -17.05 3.69 -6.11
CA GLY A 351 -17.01 3.34 -7.53
C GLY A 351 -16.20 4.36 -8.29
N PHE A 352 -14.94 4.03 -8.59
CA PHE A 352 -14.00 4.89 -9.34
C PHE A 352 -13.77 4.23 -10.71
N GLY A 353 -12.71 4.60 -11.42
CA GLY A 353 -12.47 4.14 -12.81
C GLY A 353 -13.62 4.54 -13.71
N ASN A 354 -14.34 3.57 -14.27
CA ASN A 354 -15.44 3.80 -15.24
C ASN A 354 -16.75 4.14 -14.51
N LEU A 355 -16.81 4.02 -13.18
CA LEU A 355 -18.03 4.36 -12.38
C LEU A 355 -18.01 5.85 -11.99
N ARG A 356 -19.11 6.34 -11.44
CA ARG A 356 -19.44 7.80 -11.36
C ARG A 356 -18.81 8.44 -10.12
N GLY A 357 -18.11 7.67 -9.27
CA GLY A 357 -17.35 8.28 -8.15
C GLY A 357 -18.15 8.35 -6.88
N GLN A 358 -19.24 7.58 -6.77
CA GLN A 358 -20.03 7.54 -5.52
C GLN A 358 -19.23 6.81 -4.44
N MET A 359 -19.17 7.42 -3.27
CA MET A 359 -18.48 6.88 -2.08
C MET A 359 -19.49 6.70 -0.95
N GLU A 360 -19.96 5.47 -0.76
CA GLU A 360 -20.83 5.12 0.38
C GLU A 360 -19.96 5.03 1.63
N VAL A 361 -20.19 5.90 2.59
CA VAL A 361 -19.45 5.91 3.87
C VAL A 361 -20.30 5.18 4.91
N TRP A 362 -19.81 4.04 5.39
CA TRP A 362 -20.51 3.19 6.37
C TRP A 362 -19.82 3.27 7.73
N ASP A 363 -20.60 3.50 8.77
CA ASP A 363 -20.24 3.20 10.18
C ASP A 363 -20.25 1.68 10.32
N VAL A 364 -19.08 1.06 10.53
CA VAL A 364 -19.01 -0.43 10.61
C VAL A 364 -18.83 -0.86 12.05
N LYS A 365 -19.15 0.01 13.01
CA LYS A 365 -19.35 -0.36 14.43
C LYS A 365 -20.85 -0.52 14.66
N ASN A 366 -21.65 0.41 14.14
CA ASN A 366 -23.13 0.44 14.29
C ASN A 366 -23.80 -0.13 13.03
N TYR A 367 -23.05 -0.23 11.91
CA TYR A 367 -23.53 -0.77 10.61
C TYR A 367 -24.67 0.11 10.11
N LYS A 368 -24.35 1.37 9.88
CA LYS A 368 -25.27 2.46 9.46
C LYS A 368 -24.59 3.24 8.33
N LEU A 369 -25.31 3.55 7.26
CA LEU A 369 -24.82 4.44 6.19
C LEU A 369 -24.73 5.86 6.73
N ILE A 370 -23.56 6.48 6.64
CA ILE A 370 -23.31 7.86 7.11
C ILE A 370 -23.61 8.85 5.97
N SER A 371 -23.10 8.58 4.77
CA SER A 371 -23.10 9.55 3.64
C SER A 371 -22.80 8.84 2.32
N LYS A 372 -23.18 9.49 1.23
CA LYS A 372 -22.90 9.00 -0.13
C LYS A 372 -22.36 10.15 -0.97
N PRO A 373 -21.25 10.77 -0.53
CA PRO A 373 -20.59 11.79 -1.34
C PRO A 373 -20.13 11.24 -2.69
N VAL A 374 -20.00 12.13 -3.65
CA VAL A 374 -19.62 11.77 -5.05
C VAL A 374 -18.35 12.54 -5.40
N ALA A 375 -17.27 11.80 -5.64
CA ALA A 375 -15.98 12.35 -6.10
C ALA A 375 -15.80 11.97 -7.56
N SER A 376 -16.57 12.64 -8.43
CA SER A 376 -16.54 12.48 -9.91
C SER A 376 -15.10 12.51 -10.42
N ASP A 377 -14.76 11.54 -11.26
CA ASP A 377 -13.50 11.52 -12.05
C ASP A 377 -12.28 11.25 -11.19
N SER A 378 -12.44 10.90 -9.91
CA SER A 378 -11.32 10.60 -9.00
C SER A 378 -10.48 9.43 -9.55
N THR A 379 -9.17 9.58 -9.49
CA THR A 379 -8.17 8.56 -9.88
C THR A 379 -7.47 8.03 -8.64
N TYR A 380 -7.67 8.67 -7.50
CA TYR A 380 -6.93 8.36 -6.25
C TYR A 380 -7.83 8.66 -5.05
N PHE A 381 -7.81 7.73 -4.10
CA PHE A 381 -8.51 7.86 -2.80
C PHE A 381 -7.54 7.51 -1.67
N ALA A 382 -7.52 8.30 -0.61
CA ALA A 382 -6.79 7.87 0.59
C ALA A 382 -7.42 8.47 1.83
N TRP A 383 -7.64 7.62 2.81
CA TRP A 383 -7.98 8.05 4.18
C TRP A 383 -6.83 8.86 4.71
N CYS A 384 -7.16 9.96 5.35
CA CYS A 384 -6.25 10.63 6.27
C CYS A 384 -5.92 9.68 7.41
N PRO A 385 -4.66 9.63 7.87
CA PRO A 385 -4.31 8.87 9.07
C PRO A 385 -5.16 9.20 10.31
N ASP A 386 -5.80 10.38 10.36
CA ASP A 386 -6.69 10.77 11.50
C ASP A 386 -8.00 9.98 11.49
N GLY A 387 -8.31 9.23 10.43
CA GLY A 387 -9.52 8.39 10.33
C GLY A 387 -10.79 9.24 10.28
N GLU A 388 -10.66 10.54 9.99
CA GLU A 388 -11.79 11.49 9.95
C GLU A 388 -11.93 12.06 8.53
N HIS A 389 -10.82 12.33 7.89
CA HIS A 389 -10.75 13.06 6.61
C HIS A 389 -10.40 12.09 5.49
N ILE A 390 -10.81 12.45 4.29
CA ILE A 390 -10.59 11.66 3.06
C ILE A 390 -10.03 12.58 1.99
N LEU A 391 -8.99 12.10 1.31
CA LEU A 391 -8.40 12.76 0.12
C LEU A 391 -8.96 12.04 -1.11
N THR A 392 -9.52 12.80 -2.02
CA THR A 392 -9.72 12.29 -3.39
C THR A 392 -8.98 13.24 -4.33
N ALA A 393 -8.33 12.67 -5.34
CA ALA A 393 -7.60 13.43 -6.37
C ALA A 393 -7.95 12.90 -7.75
N THR A 394 -7.83 13.80 -8.72
CA THR A 394 -7.85 13.51 -10.17
C THR A 394 -6.49 13.87 -10.77
N CYS A 395 -5.73 12.87 -11.21
CA CYS A 395 -4.32 13.07 -11.61
C CYS A 395 -4.11 12.56 -13.04
N ALA A 396 -3.27 13.27 -13.77
CA ALA A 396 -2.57 12.77 -14.98
C ALA A 396 -1.54 11.74 -14.52
N PRO A 397 -1.29 10.65 -15.27
CA PRO A 397 -1.86 10.45 -16.61
C PRO A 397 -3.24 9.77 -16.70
N ARG A 398 -3.70 9.08 -15.64
CA ARG A 398 -4.99 8.34 -15.63
C ARG A 398 -6.13 9.23 -16.16
N LEU A 399 -6.12 10.53 -15.88
CA LEU A 399 -7.08 11.52 -16.47
C LEU A 399 -6.38 12.87 -16.67
N ARG A 400 -6.56 13.46 -17.85
CA ARG A 400 -5.83 14.68 -18.30
C ARG A 400 -6.69 15.93 -18.08
N VAL A 401 -7.98 15.77 -17.79
CA VAL A 401 -8.93 16.91 -17.56
C VAL A 401 -9.35 16.93 -16.08
N ASN A 402 -9.87 18.08 -15.63
CA ASN A 402 -10.44 18.31 -14.28
C ASN A 402 -9.43 17.81 -13.24
N ASN A 403 -8.14 18.14 -13.41
CA ASN A 403 -7.08 17.72 -12.45
C ASN A 403 -7.25 18.56 -11.18
N GLY A 404 -7.14 17.89 -10.02
CA GLY A 404 -7.20 18.60 -8.73
C GLY A 404 -7.46 17.59 -7.63
N TYR A 405 -7.76 18.09 -6.44
CA TYR A 405 -8.03 17.22 -5.29
C TYR A 405 -9.07 17.88 -4.39
N LYS A 406 -9.68 17.04 -3.55
CA LYS A 406 -10.67 17.47 -2.54
C LYS A 406 -10.30 16.80 -1.22
N ILE A 407 -10.46 17.54 -0.12
CA ILE A 407 -10.43 16.98 1.25
C ILE A 407 -11.86 17.00 1.76
N TRP A 408 -12.33 15.81 2.14
CA TRP A 408 -13.66 15.54 2.69
C TRP A 408 -13.56 15.26 4.17
N HIS A 409 -14.62 15.56 4.88
CA HIS A 409 -14.98 14.87 6.14
C HIS A 409 -15.78 13.63 5.75
N TYR A 410 -15.74 12.56 6.54
CA TYR A 410 -16.44 11.31 6.15
C TYR A 410 -17.97 11.53 6.17
N THR A 411 -18.46 12.62 6.76
CA THR A 411 -19.90 12.99 6.73
C THR A 411 -20.31 13.51 5.36
N GLY A 412 -19.34 13.70 4.45
CA GLY A 412 -19.59 14.06 3.04
C GLY A 412 -19.37 15.53 2.79
N SER A 413 -18.89 16.29 3.77
CA SER A 413 -18.57 17.72 3.57
C SER A 413 -17.24 17.88 2.80
N ILE A 414 -17.15 18.88 1.94
CA ILE A 414 -15.92 19.25 1.18
C ILE A 414 -15.27 20.40 1.95
N LEU A 415 -14.16 20.11 2.62
CA LEU A 415 -13.49 21.08 3.53
C LEU A 415 -12.50 21.95 2.74
N HIS A 416 -11.94 21.38 1.69
CA HIS A 416 -10.84 22.01 0.91
C HIS A 416 -10.89 21.44 -0.50
N LYS A 417 -10.66 22.27 -1.49
CA LYS A 417 -10.45 21.71 -2.84
C LYS A 417 -9.54 22.65 -3.62
N TYR A 418 -8.88 22.07 -4.60
CA TYR A 418 -7.92 22.77 -5.48
C TYR A 418 -8.13 22.18 -6.86
N ASP A 419 -8.29 23.04 -7.86
CA ASP A 419 -8.37 22.59 -9.27
C ASP A 419 -7.16 23.20 -9.97
N VAL A 420 -6.45 22.43 -10.79
CA VAL A 420 -5.20 22.93 -11.44
C VAL A 420 -5.68 23.83 -12.59
N PRO A 421 -4.92 24.88 -12.97
CA PRO A 421 -5.26 25.66 -14.16
C PRO A 421 -5.28 24.76 -15.42
N SER A 422 -5.92 25.21 -16.52
CA SER A 422 -6.17 24.42 -17.76
C SER A 422 -4.85 23.90 -18.36
N ASN A 423 -3.76 24.66 -18.17
CA ASN A 423 -2.42 24.42 -18.78
C ASN A 423 -1.50 23.70 -17.79
N ALA A 424 -2.05 22.97 -16.81
CA ALA A 424 -1.28 22.34 -15.73
C ALA A 424 -1.80 20.92 -15.50
N GLU A 425 -0.99 20.10 -14.83
CA GLU A 425 -1.31 18.70 -14.50
C GLU A 425 -1.07 18.49 -13.01
N LEU A 426 -1.83 17.57 -12.43
CA LEU A 426 -1.54 17.02 -11.08
C LEU A 426 -1.03 15.60 -11.27
N TRP A 427 0.03 15.22 -10.58
CA TRP A 427 0.58 13.85 -10.72
C TRP A 427 0.31 13.02 -9.47
N GLN A 428 0.40 13.64 -8.30
CA GLN A 428 0.25 12.89 -7.03
C GLN A 428 -0.17 13.83 -5.93
N VAL A 429 -1.13 13.39 -5.10
CA VAL A 429 -1.40 14.03 -3.79
C VAL A 429 -1.36 12.90 -2.77
N SER A 430 -0.72 13.12 -1.64
CA SER A 430 -0.67 12.08 -0.58
C SER A 430 -0.64 12.72 0.80
N TRP A 431 -1.18 11.96 1.73
CA TRP A 431 -1.09 12.30 3.16
C TRP A 431 0.31 12.01 3.65
N GLN A 432 0.80 12.84 4.56
CA GLN A 432 1.85 12.44 5.51
C GLN A 432 1.37 11.22 6.30
N PRO A 433 2.06 10.07 6.20
CA PRO A 433 1.68 8.89 6.97
C PRO A 433 2.08 9.06 8.43
N PHE A 434 1.35 8.36 9.29
CA PHE A 434 1.65 8.24 10.73
C PHE A 434 1.52 6.78 11.13
N LEU A 435 2.38 6.36 12.05
CA LEU A 435 2.26 5.03 12.68
C LEU A 435 0.87 4.89 13.33
N ASP A 436 0.33 3.69 13.28
CA ASP A 436 -0.91 3.30 14.02
C ASP A 436 -0.73 3.69 15.48
N GLY A 437 -1.81 4.08 16.14
CA GLY A 437 -1.84 4.30 17.59
C GLY A 437 -1.49 5.72 17.97
N ILE A 438 -1.28 6.62 16.99
CA ILE A 438 -1.02 8.05 17.28
C ILE A 438 -2.33 8.82 17.22
N PHE A 439 -3.11 8.67 16.14
CA PHE A 439 -4.45 9.29 16.05
C PHE A 439 -5.49 8.35 16.67
N PRO A 440 -6.32 8.85 17.59
CA PRO A 440 -7.38 8.03 18.21
C PRO A 440 -8.47 7.73 17.17
N ALA A 441 -9.18 6.64 17.37
CA ALA A 441 -10.35 6.26 16.57
C ALA A 441 -11.52 7.07 17.13
N LYS A 442 -11.86 8.20 16.50
CA LYS A 442 -12.85 9.14 17.07
C LYS A 442 -14.24 8.53 16.88
N THR A 443 -15.04 8.54 17.93
CA THR A 443 -16.45 8.06 17.91
C THR A 443 -17.23 8.77 16.79
N ILE A 444 -17.99 8.01 16.00
CA ILE A 444 -19.06 8.54 15.09
C ILE A 444 -20.28 8.89 15.97
N THR A 445 -20.59 10.17 16.14
CA THR A 445 -21.71 10.64 17.01
C THR A 445 -22.96 10.91 16.17
C1 EDO B . 7.01 -0.64 -3.72
O1 EDO B . 7.25 -1.10 -2.40
C2 EDO B . 8.08 -1.06 -4.65
O2 EDO B . 8.40 -2.43 -4.61
C1 EDO C . 6.84 -6.07 7.57
O1 EDO C . 6.74 -6.63 8.89
C2 EDO C . 5.57 -5.96 6.79
O2 EDO C . 5.02 -4.66 6.79
C1 GOL D . 17.15 -11.45 13.30
O1 GOL D . 17.85 -11.90 14.46
C2 GOL D . 15.78 -12.07 13.18
O2 GOL D . 15.24 -12.27 14.49
C3 GOL D . 14.83 -11.28 12.30
O3 GOL D . 13.53 -11.10 12.85
UNK UNX E . 7.30 -23.97 -9.76
UNK UNX F . -7.00 4.47 2.35
UNK UNX G . -23.69 6.84 12.63
#